data_6RAD
#
_entry.id   6RAD
#
_cell.length_a   107.449
_cell.length_b   107.449
_cell.length_c   73.511
_cell.angle_alpha   90.00
_cell.angle_beta   90.00
_cell.angle_gamma   120.00
#
_symmetry.space_group_name_H-M   'P 65'
#
loop_
_entity.id
_entity.type
_entity.pdbx_description
1 polymer 'Secretory apparatus ATP synthase (Associated with virulence)'
2 non-polymer "ADENOSINE-5'-DIPHOSPHATE"
3 non-polymer '2-(N-MORPHOLINO)-ETHANESULFONIC ACID'
4 non-polymer GLYCEROL
5 non-polymer 'SULFATE ION'
6 water water
#
_entity_poly.entity_id   1
_entity_poly.type   'polypeptide(L)'
_entity_poly.pdbx_seq_one_letter_code
;MGRALSAWVGYSVLGAVLDPTGKIVERFTPEVAPISEERVIDVAPPSYASRVGVREPLITGVRAIDGLLTCGVGQRMGIF
ASAGCGKTMLMHMLIEQTEADVFVIGLIGERGREVTEFVDMLRASHKKEKCVLVFATSDFPSVDRCNAAQLATTVAEYFR
DQGKRVVLFIDSMTRYARALRDVALASGERPARRGYPASVFDNLPRLLERPGATSEGSITAFYTVLLESEEEADPMADEI
RSILDGHLYLSRKLAGQGHYPAIDVLKSVSRVFGQVTTPTHAEQASAVRKLMTRLEELQLFIDLGEYRPGENIDNDRAMQ
MRDSLKAWLCQPVAQYSSFDDTLSGMNAFADQNSAWSHPQFEK
;
_entity_poly.pdbx_strand_id   A
#
loop_
_chem_comp.id
_chem_comp.type
_chem_comp.name
_chem_comp.formula
ADP non-polymer ADENOSINE-5'-DIPHOSPHATE 'C10 H15 N5 O10 P2'
GOL non-polymer GLYCEROL 'C3 H8 O3'
MES non-polymer '2-(N-MORPHOLINO)-ETHANESULFONIC ACID' 'C6 H13 N O4 S'
SO4 non-polymer 'SULFATE ION' 'O4 S -2'
#
# COMPACT_ATOMS: atom_id res chain seq x y z
N ARG A 3 26.43 4.77 -2.22
CA ARG A 3 24.98 4.61 -2.16
C ARG A 3 24.46 4.68 -0.72
N ALA A 4 25.20 4.08 0.20
CA ALA A 4 24.81 4.04 1.61
C ALA A 4 25.01 5.44 2.23
N LEU A 5 23.99 6.26 2.08
CA LEU A 5 24.03 7.65 2.52
C LEU A 5 23.30 7.82 3.85
N SER A 6 23.67 8.89 4.56
CA SER A 6 22.98 9.30 5.77
C SER A 6 22.06 10.47 5.46
N ALA A 7 20.89 10.49 6.10
CA ALA A 7 19.89 11.51 5.87
C ALA A 7 19.40 12.09 7.20
N TRP A 8 18.88 13.31 7.12
CA TRP A 8 18.30 13.99 8.27
C TRP A 8 16.78 13.84 8.22
N VAL A 9 16.23 13.17 9.23
CA VAL A 9 14.80 12.89 9.31
C VAL A 9 14.29 13.41 10.64
N GLY A 10 12.97 13.42 10.79
CA GLY A 10 12.38 13.81 12.06
C GLY A 10 11.12 14.62 11.84
N TYR A 11 10.71 15.32 12.91
CA TYR A 11 9.52 16.16 12.82
C TYR A 11 9.72 17.36 11.90
N SER A 12 10.97 17.69 11.56
CA SER A 12 11.23 18.84 10.71
C SER A 12 10.71 18.63 9.30
N VAL A 13 10.59 17.38 8.85
CA VAL A 13 10.16 17.07 7.49
C VAL A 13 8.67 16.75 7.43
N LEU A 14 7.95 16.91 8.54
CA LEU A 14 6.49 16.73 8.51
C LEU A 14 5.86 17.85 7.70
N GLY A 15 5.03 17.47 6.74
CA GLY A 15 4.47 18.45 5.83
C GLY A 15 5.53 19.01 4.90
N ALA A 16 6.22 18.14 4.18
CA ALA A 16 7.34 18.56 3.35
C ALA A 16 7.63 17.51 2.29
N VAL A 17 8.34 17.94 1.25
CA VAL A 17 8.78 17.07 0.16
C VAL A 17 10.30 16.94 0.22
N LEU A 18 10.77 15.72 0.05
CA LEU A 18 12.19 15.39 0.16
C LEU A 18 12.69 14.81 -1.15
N ASP A 19 13.84 15.30 -1.59
CA ASP A 19 14.60 14.68 -2.66
C ASP A 19 15.30 13.45 -2.10
N PRO A 20 15.82 12.56 -2.97
CA PRO A 20 16.38 11.30 -2.47
C PRO A 20 17.60 11.44 -1.57
N THR A 21 17.84 12.62 -1.02
CA THR A 21 18.96 12.84 -0.10
C THR A 21 18.54 13.31 1.28
N GLY A 22 17.25 13.65 1.48
CA GLY A 22 16.78 14.11 2.77
C GLY A 22 16.64 15.61 2.90
N LYS A 23 16.94 16.37 1.86
CA LYS A 23 16.81 17.82 1.89
C LYS A 23 15.39 18.23 1.53
N ILE A 24 14.87 19.20 2.28
CA ILE A 24 13.52 19.69 2.06
C ILE A 24 13.50 20.59 0.83
N VAL A 25 12.78 20.16 -0.21
CA VAL A 25 12.69 20.92 -1.46
C VAL A 25 11.35 21.62 -1.60
N GLU A 26 10.41 21.40 -0.66
CA GLU A 26 9.08 21.98 -0.74
C GLU A 26 8.31 21.73 0.56
N ARG A 27 7.44 22.67 0.95
CA ARG A 27 6.56 22.48 2.10
C ARG A 27 5.14 22.84 1.71
N PHE A 28 4.17 22.06 2.18
CA PHE A 28 2.76 22.41 2.06
C PHE A 28 2.14 22.81 3.40
N THR A 29 2.92 22.85 4.47
CA THR A 29 2.50 23.38 5.76
C THR A 29 3.74 23.88 6.48
N PRO A 30 3.60 24.84 7.41
CA PRO A 30 4.76 25.28 8.19
C PRO A 30 5.43 24.13 8.91
N GLU A 31 6.70 24.34 9.25
CA GLU A 31 7.46 23.34 9.98
C GLU A 31 6.80 23.05 11.33
N VAL A 32 6.57 21.77 11.59
CA VAL A 32 5.89 21.37 12.82
C VAL A 32 6.79 21.58 14.03
N ALA A 33 8.04 21.08 13.96
CA ALA A 33 8.99 21.23 15.05
C ALA A 33 10.39 21.00 14.50
N PRO A 34 11.40 21.76 14.96
CA PRO A 34 12.77 21.56 14.45
C PRO A 34 13.50 20.42 15.15
N ILE A 35 12.92 19.24 15.11
CA ILE A 35 13.50 18.04 15.73
C ILE A 35 13.99 17.13 14.61
N SER A 36 15.30 16.85 14.62
CA SER A 36 15.91 16.09 13.54
C SER A 36 16.88 15.06 14.11
N GLU A 37 17.30 14.16 13.22
CA GLU A 37 18.17 13.03 13.54
C GLU A 37 18.89 12.61 12.27
N GLU A 38 20.18 12.34 12.39
CA GLU A 38 20.95 11.77 11.29
C GLU A 38 20.87 10.25 11.36
N ARG A 39 20.43 9.62 10.29
CA ARG A 39 20.19 8.19 10.26
C ARG A 39 20.69 7.60 8.94
N VAL A 40 21.30 6.42 9.03
CA VAL A 40 21.62 5.67 7.83
C VAL A 40 20.34 5.13 7.22
N ILE A 41 20.16 5.33 5.91
CA ILE A 41 18.90 4.98 5.27
C ILE A 41 18.82 3.54 4.82
N ASP A 42 19.94 2.82 4.77
CA ASP A 42 19.95 1.38 4.51
C ASP A 42 20.38 0.69 5.79
N VAL A 43 19.43 0.56 6.72
CA VAL A 43 19.66 -0.12 7.98
C VAL A 43 18.94 -1.46 7.94
N ALA A 44 19.39 -2.37 8.80
CA ALA A 44 18.86 -3.73 8.82
C ALA A 44 17.49 -3.77 9.50
N PRO A 45 16.61 -4.66 9.06
CA PRO A 45 15.28 -4.76 9.67
C PRO A 45 15.38 -5.16 11.13
N PRO A 46 14.34 -4.91 11.92
CA PRO A 46 14.37 -5.33 13.32
C PRO A 46 14.46 -6.85 13.44
N SER A 47 15.07 -7.29 14.53
CA SER A 47 15.21 -8.72 14.78
C SER A 47 13.83 -9.38 14.82
N TYR A 48 13.74 -10.56 14.19
CA TYR A 48 12.48 -11.30 14.18
C TYR A 48 11.98 -11.57 15.59
N ALA A 49 12.88 -11.68 16.56
CA ALA A 49 12.50 -12.00 17.93
C ALA A 49 12.07 -10.79 18.75
N SER A 50 12.16 -9.59 18.18
CA SER A 50 11.79 -8.38 18.92
C SER A 50 10.45 -7.80 18.50
N ARG A 51 9.94 -8.15 17.33
CA ARG A 51 8.68 -7.60 16.87
C ARG A 51 7.49 -8.25 17.57
N VAL A 52 6.36 -7.56 17.53
CA VAL A 52 5.08 -8.10 17.98
C VAL A 52 4.30 -8.53 16.74
N GLY A 53 3.45 -9.52 16.90
CA GLY A 53 2.69 -10.02 15.78
C GLY A 53 1.59 -9.07 15.35
N VAL A 54 1.16 -9.23 14.11
CA VAL A 54 0.07 -8.43 13.56
C VAL A 54 -1.22 -8.85 14.25
N ARG A 55 -1.63 -8.10 15.27
CA ARG A 55 -2.82 -8.42 16.06
C ARG A 55 -3.96 -7.48 15.75
N GLU A 56 -3.76 -6.18 15.99
CA GLU A 56 -4.81 -5.20 15.77
C GLU A 56 -5.05 -4.98 14.28
N PRO A 57 -6.29 -4.68 13.90
CA PRO A 57 -6.56 -4.30 12.51
C PRO A 57 -6.45 -2.80 12.28
N LEU A 58 -6.22 -2.45 11.01
CA LEU A 58 -6.12 -1.06 10.57
C LEU A 58 -7.36 -0.74 9.75
N ILE A 59 -8.17 0.18 10.26
CA ILE A 59 -9.42 0.56 9.62
C ILE A 59 -9.11 1.59 8.54
N THR A 60 -9.34 1.22 7.28
CA THR A 60 -9.02 2.07 6.14
C THR A 60 -10.23 2.82 5.60
N GLY A 61 -11.41 2.64 6.21
CA GLY A 61 -12.58 3.37 5.81
C GLY A 61 -13.26 2.85 4.56
N VAL A 62 -12.53 2.07 3.77
CA VAL A 62 -13.06 1.51 2.53
C VAL A 62 -13.78 0.20 2.87
N ARG A 63 -14.99 0.04 2.33
CA ARG A 63 -15.78 -1.13 2.64
C ARG A 63 -15.17 -2.40 2.08
N ALA A 64 -14.71 -2.36 0.82
CA ALA A 64 -14.14 -3.55 0.20
C ALA A 64 -12.90 -4.04 0.94
N ILE A 65 -12.21 -3.17 1.66
CA ILE A 65 -11.06 -3.58 2.46
C ILE A 65 -11.48 -3.98 3.86
N ASP A 66 -12.23 -3.11 4.55
CA ASP A 66 -12.59 -3.39 5.94
C ASP A 66 -13.40 -4.68 6.06
N GLY A 67 -14.25 -4.97 5.07
CA GLY A 67 -15.11 -6.14 5.15
C GLY A 67 -14.47 -7.44 4.72
N LEU A 68 -13.86 -7.45 3.53
CA LEU A 68 -13.39 -8.68 2.91
C LEU A 68 -11.88 -8.78 2.83
N LEU A 69 -11.14 -7.73 3.20
CA LEU A 69 -9.69 -7.72 3.05
C LEU A 69 -9.00 -6.98 4.18
N THR A 70 -9.53 -7.07 5.41
CA THR A 70 -9.09 -6.21 6.51
C THR A 70 -7.59 -6.27 6.72
N CYS A 71 -6.98 -5.10 6.84
CA CYS A 71 -5.55 -4.95 7.04
C CYS A 71 -5.23 -4.87 8.53
N GLY A 72 -3.96 -5.15 8.85
CA GLY A 72 -3.51 -5.16 10.24
C GLY A 72 -2.42 -4.14 10.50
N VAL A 73 -2.46 -3.55 11.69
CA VAL A 73 -1.46 -2.58 12.13
C VAL A 73 -0.09 -3.26 12.14
N GLY A 74 0.73 -2.95 11.13
CA GLY A 74 2.02 -3.60 10.95
C GLY A 74 2.10 -4.51 9.74
N GLN A 75 1.00 -4.71 9.03
CA GLN A 75 0.98 -5.57 7.85
C GLN A 75 1.72 -4.90 6.69
N ARG A 76 2.15 -5.74 5.75
CA ARG A 76 2.81 -5.28 4.53
C ARG A 76 1.93 -5.70 3.36
N MET A 77 1.06 -4.80 2.90
CA MET A 77 0.10 -5.07 1.84
C MET A 77 0.66 -4.67 0.48
N GLY A 78 0.14 -5.30 -0.56
CA GLY A 78 0.52 -4.98 -1.92
C GLY A 78 -0.69 -4.54 -2.73
N ILE A 79 -0.45 -3.61 -3.65
CA ILE A 79 -1.48 -3.09 -4.55
C ILE A 79 -1.00 -3.38 -5.97
N PHE A 80 -1.67 -4.31 -6.66
CA PHE A 80 -1.25 -4.77 -7.97
C PHE A 80 -2.10 -4.08 -9.03
N ALA A 81 -1.46 -3.31 -9.91
CA ALA A 81 -2.23 -2.51 -10.86
C ALA A 81 -1.48 -2.37 -12.18
N SER A 82 -2.26 -2.06 -13.21
CA SER A 82 -1.76 -1.65 -14.51
C SER A 82 -2.18 -0.21 -14.75
N ALA A 83 -2.07 0.24 -16.00
CA ALA A 83 -2.44 1.60 -16.35
C ALA A 83 -3.95 1.78 -16.26
N GLY A 84 -4.37 2.89 -15.64
CA GLY A 84 -5.78 3.23 -15.56
C GLY A 84 -6.60 2.41 -14.61
N CYS A 85 -5.98 1.66 -13.71
CA CYS A 85 -6.73 0.88 -12.73
C CYS A 85 -7.20 1.71 -11.55
N GLY A 86 -6.74 2.96 -11.44
CA GLY A 86 -7.20 3.85 -10.38
C GLY A 86 -6.45 3.72 -9.07
N LYS A 87 -5.17 3.40 -9.09
CA LYS A 87 -4.44 3.11 -7.86
C LYS A 87 -4.06 4.37 -7.09
N THR A 88 -3.79 5.47 -7.78
CA THR A 88 -3.36 6.68 -7.09
C THR A 88 -4.50 7.31 -6.29
N MET A 89 -5.71 7.32 -6.87
CA MET A 89 -6.87 7.75 -6.10
C MET A 89 -7.15 6.80 -4.95
N LEU A 90 -6.81 5.52 -5.11
CA LEU A 90 -6.89 4.59 -3.99
C LEU A 90 -5.91 4.98 -2.88
N MET A 91 -4.71 5.39 -3.26
CA MET A 91 -3.73 5.83 -2.27
C MET A 91 -4.24 7.06 -1.51
N HIS A 92 -4.78 8.03 -2.24
CA HIS A 92 -5.30 9.23 -1.58
C HIS A 92 -6.52 8.90 -0.72
N MET A 93 -7.34 7.94 -1.16
CA MET A 93 -8.46 7.47 -0.35
C MET A 93 -7.96 6.88 0.96
N LEU A 94 -6.94 6.02 0.88
CA LEU A 94 -6.37 5.43 2.09
C LEU A 94 -5.80 6.50 3.01
N ILE A 95 -5.13 7.51 2.42
CA ILE A 95 -4.58 8.59 3.24
C ILE A 95 -5.70 9.32 3.98
N GLU A 96 -6.78 9.65 3.26
CA GLU A 96 -7.85 10.43 3.87
C GLU A 96 -8.59 9.63 4.94
N GLN A 97 -9.02 8.42 4.62
CA GLN A 97 -9.93 7.70 5.50
C GLN A 97 -9.22 7.10 6.71
N THR A 98 -8.01 6.57 6.51
CA THR A 98 -7.34 5.82 7.58
C THR A 98 -6.94 6.74 8.73
N GLU A 99 -7.00 6.17 9.94
CA GLU A 99 -6.62 6.89 11.15
C GLU A 99 -5.22 6.43 11.56
N ALA A 100 -4.23 7.30 11.37
CA ALA A 100 -2.86 6.99 11.74
C ALA A 100 -2.15 8.28 12.12
N ASP A 101 -1.11 8.14 12.94
CA ASP A 101 -0.37 9.31 13.40
C ASP A 101 0.39 9.98 12.26
N VAL A 102 1.09 9.21 11.43
CA VAL A 102 1.94 9.77 10.38
C VAL A 102 1.70 9.02 9.08
N PHE A 103 1.65 9.76 7.99
CA PHE A 103 1.62 9.22 6.63
C PHE A 103 2.92 9.57 5.93
N VAL A 104 3.48 8.59 5.21
CA VAL A 104 4.75 8.76 4.51
C VAL A 104 4.61 8.13 3.14
N ILE A 105 4.62 8.95 2.10
CA ILE A 105 4.50 8.49 0.72
C ILE A 105 5.90 8.49 0.09
N GLY A 106 6.18 7.46 -0.70
CA GLY A 106 7.45 7.37 -1.40
C GLY A 106 7.26 7.05 -2.87
N LEU A 107 7.33 8.09 -3.71
CA LEU A 107 7.15 7.93 -5.15
C LEU A 107 8.51 7.66 -5.78
N ILE A 108 8.62 6.50 -6.44
CA ILE A 108 9.88 6.04 -7.02
C ILE A 108 9.73 6.01 -8.53
N GLY A 109 10.65 6.67 -9.23
CA GLY A 109 10.68 6.60 -10.68
C GLY A 109 9.45 7.16 -11.37
N GLU A 110 8.64 7.93 -10.67
CA GLU A 110 7.47 8.53 -11.28
C GLU A 110 7.87 9.78 -12.06
N ARG A 111 7.03 10.16 -13.03
CA ARG A 111 7.28 11.38 -13.79
C ARG A 111 6.99 12.59 -12.91
N GLY A 112 7.85 13.61 -13.03
CA GLY A 112 7.76 14.77 -12.15
C GLY A 112 6.40 15.45 -12.18
N ARG A 113 5.71 15.38 -13.32
CA ARG A 113 4.35 15.88 -13.41
C ARG A 113 3.46 15.20 -12.38
N GLU A 114 3.57 13.87 -12.28
CA GLU A 114 2.75 13.12 -11.33
C GLU A 114 3.14 13.45 -9.89
N VAL A 115 4.43 13.72 -9.66
CA VAL A 115 4.89 14.08 -8.31
C VAL A 115 4.28 15.41 -7.89
N THR A 116 4.32 16.40 -8.78
CA THR A 116 3.69 17.69 -8.51
C THR A 116 2.19 17.54 -8.29
N GLU A 117 1.54 16.69 -9.09
CA GLU A 117 0.11 16.48 -8.94
C GLU A 117 -0.23 15.90 -7.58
N PHE A 118 0.55 14.91 -7.13
CA PHE A 118 0.33 14.31 -5.83
C PHE A 118 0.59 15.30 -4.70
N VAL A 119 1.61 16.14 -4.85
CA VAL A 119 1.85 17.18 -3.85
C VAL A 119 0.66 18.12 -3.75
N ASP A 120 0.14 18.56 -4.89
CA ASP A 120 -1.02 19.44 -4.89
C ASP A 120 -2.24 18.76 -4.29
N MET A 121 -2.37 17.44 -4.49
CA MET A 121 -3.43 16.69 -3.83
C MET A 121 -3.24 16.73 -2.31
N LEU A 122 -2.00 16.54 -1.84
CA LEU A 122 -1.74 16.60 -0.41
C LEU A 122 -1.99 18.01 0.14
N ARG A 123 -1.88 19.02 -0.72
CA ARG A 123 -2.09 20.40 -0.27
C ARG A 123 -3.50 20.61 0.26
N ALA A 124 -4.49 19.95 -0.36
CA ALA A 124 -5.88 20.14 0.03
C ALA A 124 -6.34 19.20 1.12
N SER A 125 -5.57 18.15 1.43
CA SER A 125 -5.94 17.22 2.48
C SER A 125 -6.04 17.93 3.83
N HIS A 126 -7.02 17.53 4.64
CA HIS A 126 -7.20 18.10 5.97
C HIS A 126 -6.34 17.43 7.03
N LYS A 127 -5.49 16.48 6.63
CA LYS A 127 -4.46 15.89 7.47
C LYS A 127 -3.10 16.04 6.80
N LYS A 128 -2.85 17.23 6.22
CA LYS A 128 -1.65 17.45 5.43
C LYS A 128 -0.41 17.55 6.30
N GLU A 129 -0.54 18.05 7.54
CA GLU A 129 0.62 18.17 8.41
C GLU A 129 1.12 16.82 8.92
N LYS A 130 0.41 15.73 8.65
CA LYS A 130 0.88 14.40 8.99
C LYS A 130 1.68 13.75 7.88
N CYS A 131 1.59 14.26 6.65
CA CYS A 131 2.16 13.60 5.49
C CYS A 131 3.56 14.11 5.19
N VAL A 132 4.42 13.19 4.76
CA VAL A 132 5.77 13.51 4.30
C VAL A 132 5.96 12.83 2.96
N LEU A 133 6.24 13.61 1.91
CA LEU A 133 6.48 13.01 0.60
C LEU A 133 7.97 12.91 0.35
N VAL A 134 8.39 11.78 -0.20
CA VAL A 134 9.74 11.57 -0.72
C VAL A 134 9.61 11.21 -2.19
N PHE A 135 10.45 11.78 -3.04
CA PHE A 135 10.29 11.54 -4.47
C PHE A 135 11.64 11.37 -5.15
N ALA A 136 11.59 10.69 -6.29
CA ALA A 136 12.74 10.52 -7.19
C ALA A 136 12.18 10.32 -8.59
N THR A 137 12.34 11.33 -9.44
CA THR A 137 11.75 11.28 -10.77
C THR A 137 12.61 10.42 -11.69
N SER A 138 12.13 10.25 -12.93
CA SER A 138 12.88 9.49 -13.92
C SER A 138 14.22 10.12 -14.23
N ASP A 139 14.30 11.45 -14.16
CA ASP A 139 15.55 12.17 -14.41
C ASP A 139 16.63 11.85 -13.39
N PHE A 140 16.27 11.26 -12.25
CA PHE A 140 17.25 10.85 -11.26
C PHE A 140 17.90 9.54 -11.67
N PRO A 141 19.16 9.33 -11.29
CA PRO A 141 19.78 8.02 -11.51
C PRO A 141 19.13 6.95 -10.65
N SER A 142 19.37 5.69 -11.03
CA SER A 142 18.78 4.57 -10.31
C SER A 142 19.21 4.56 -8.84
N VAL A 143 20.43 5.02 -8.56
CA VAL A 143 20.90 5.13 -7.19
C VAL A 143 19.96 5.99 -6.37
N ASP A 144 19.58 7.17 -6.89
CA ASP A 144 18.71 8.06 -6.15
C ASP A 144 17.29 7.52 -6.04
N ARG A 145 16.81 6.82 -7.08
CA ARG A 145 15.49 6.21 -6.98
C ARG A 145 15.45 5.16 -5.90
N CYS A 146 16.55 4.41 -5.73
CA CYS A 146 16.66 3.47 -4.62
C CYS A 146 16.70 4.20 -3.27
N ASN A 147 17.56 5.22 -3.18
CA ASN A 147 17.67 5.99 -1.95
C ASN A 147 16.34 6.62 -1.55
N ALA A 148 15.47 6.89 -2.53
CA ALA A 148 14.17 7.48 -2.22
C ALA A 148 13.32 6.54 -1.36
N ALA A 149 13.19 5.27 -1.78
CA ALA A 149 12.42 4.32 -1.01
C ALA A 149 13.09 4.04 0.33
N GLN A 150 14.43 3.97 0.35
CA GLN A 150 15.10 3.74 1.63
C GLN A 150 14.89 4.91 2.58
N LEU A 151 14.87 6.13 2.06
CA LEU A 151 14.67 7.32 2.88
C LEU A 151 13.24 7.39 3.41
N ALA A 152 12.26 7.01 2.57
CA ALA A 152 10.87 6.95 3.03
C ALA A 152 10.72 5.94 4.17
N THR A 153 11.31 4.75 3.99
CA THR A 153 11.26 3.76 5.07
C THR A 153 11.94 4.27 6.32
N THR A 154 13.02 5.06 6.16
CA THR A 154 13.75 5.56 7.32
C THR A 154 12.94 6.61 8.08
N VAL A 155 12.22 7.48 7.36
CA VAL A 155 11.34 8.44 8.03
C VAL A 155 10.22 7.72 8.78
N ALA A 156 9.63 6.71 8.13
CA ALA A 156 8.62 5.90 8.80
C ALA A 156 9.19 5.27 10.06
N GLU A 157 10.43 4.78 10.00
CA GLU A 157 11.06 4.17 11.17
C GLU A 157 11.29 5.20 12.27
N TYR A 158 11.73 6.41 11.90
CA TYR A 158 11.90 7.46 12.90
C TYR A 158 10.60 7.67 13.66
N PHE A 159 9.50 7.86 12.93
CA PHE A 159 8.26 8.11 13.66
C PHE A 159 7.71 6.86 14.34
N ARG A 160 8.17 5.67 13.94
CA ARG A 160 7.80 4.48 14.69
C ARG A 160 8.48 4.46 16.05
N ASP A 161 9.76 4.80 16.09
CA ASP A 161 10.50 4.89 17.35
C ASP A 161 9.96 5.99 18.25
N GLN A 162 9.16 6.91 17.71
CA GLN A 162 8.49 7.92 18.52
C GLN A 162 7.17 7.45 19.09
N GLY A 163 6.82 6.18 18.86
CA GLY A 163 5.56 5.64 19.33
C GLY A 163 4.37 5.91 18.45
N LYS A 164 4.56 6.54 17.29
CA LYS A 164 3.47 6.92 16.42
C LYS A 164 3.02 5.75 15.55
N ARG A 165 1.74 5.76 15.19
CA ARG A 165 1.23 4.82 14.19
C ARG A 165 1.53 5.40 12.81
N VAL A 166 2.34 4.68 12.04
CA VAL A 166 2.88 5.18 10.78
C VAL A 166 2.34 4.33 9.64
N VAL A 167 1.93 4.98 8.56
CA VAL A 167 1.55 4.32 7.31
C VAL A 167 2.56 4.73 6.26
N LEU A 168 3.04 3.76 5.48
CA LEU A 168 4.05 3.99 4.47
C LEU A 168 3.56 3.47 3.12
N PHE A 169 3.59 4.32 2.11
CA PHE A 169 3.32 3.93 0.74
C PHE A 169 4.62 3.94 -0.05
N ILE A 170 4.78 2.96 -0.94
CA ILE A 170 5.89 2.94 -1.90
C ILE A 170 5.28 2.68 -3.26
N ASP A 171 5.42 3.65 -4.16
CA ASP A 171 4.83 3.54 -5.48
C ASP A 171 5.79 2.85 -6.43
N SER A 172 5.29 1.81 -7.11
CA SER A 172 6.08 0.95 -7.98
C SER A 172 7.25 0.32 -7.25
N MET A 173 6.98 -0.76 -6.51
CA MET A 173 8.07 -1.61 -6.04
C MET A 173 8.85 -2.18 -7.20
N THR A 174 8.20 -2.29 -8.37
CA THR A 174 8.89 -2.65 -9.60
C THR A 174 10.06 -1.71 -9.87
N ARG A 175 9.86 -0.41 -9.66
CA ARG A 175 10.91 0.54 -10.00
C ARG A 175 12.03 0.54 -8.97
N TYR A 176 11.72 0.31 -7.70
CA TYR A 176 12.79 0.13 -6.72
C TYR A 176 13.59 -1.13 -6.99
N ALA A 177 12.90 -2.21 -7.41
CA ALA A 177 13.60 -3.43 -7.81
C ALA A 177 14.52 -3.18 -9.00
N ARG A 178 14.00 -2.51 -10.03
CA ARG A 178 14.83 -2.20 -11.20
C ARG A 178 15.98 -1.27 -10.83
N ALA A 179 15.79 -0.39 -9.86
CA ALA A 179 16.85 0.52 -9.44
C ALA A 179 17.94 -0.21 -8.69
N LEU A 180 17.57 -1.12 -7.78
CA LEU A 180 18.56 -1.99 -7.17
C LEU A 180 19.31 -2.79 -8.24
N ARG A 181 18.58 -3.34 -9.21
CA ARG A 181 19.19 -4.09 -10.28
C ARG A 181 20.21 -3.25 -11.05
N ASP A 182 19.84 -2.03 -11.41
CA ASP A 182 20.74 -1.18 -12.18
C ASP A 182 21.94 -0.75 -11.35
N VAL A 183 21.73 -0.48 -10.06
CA VAL A 183 22.86 -0.08 -9.20
C VAL A 183 23.84 -1.23 -9.07
N ALA A 184 23.33 -2.46 -8.91
CA ALA A 184 24.20 -3.62 -8.83
C ALA A 184 24.91 -3.86 -10.15
N LEU A 185 24.19 -3.76 -11.28
CA LEU A 185 24.78 -4.02 -12.57
C LEU A 185 25.83 -2.99 -12.95
N ALA A 186 25.66 -1.74 -12.49
CA ALA A 186 26.67 -0.72 -12.75
C ALA A 186 27.99 -1.05 -12.07
N SER A 187 27.98 -1.91 -11.07
CA SER A 187 29.17 -2.45 -10.46
C SER A 187 29.43 -3.85 -11.00
N GLY A 188 30.38 -4.56 -10.39
CA GLY A 188 30.70 -5.91 -10.83
C GLY A 188 29.76 -6.96 -10.29
N GLU A 189 28.57 -7.07 -10.87
CA GLU A 189 27.57 -8.04 -10.45
C GLU A 189 27.01 -8.75 -11.69
N ARG A 190 26.83 -10.08 -11.58
CA ARG A 190 26.53 -10.98 -12.69
C ARG A 190 25.02 -11.15 -12.85
N PRO A 191 24.48 -10.91 -14.05
CA PRO A 191 23.02 -10.92 -14.23
C PRO A 191 22.52 -11.95 -15.24
N ALA A 192 22.25 -13.18 -14.80
CA ALA A 192 21.65 -14.18 -15.66
C ALA A 192 20.21 -14.53 -15.25
N ARG A 193 19.75 -14.07 -14.09
CA ARG A 193 18.43 -14.38 -13.58
C ARG A 193 17.46 -13.30 -14.05
N ARG A 194 16.93 -13.47 -15.26
CA ARG A 194 15.95 -12.55 -15.85
C ARG A 194 16.44 -11.11 -15.79
N GLY A 195 17.76 -10.92 -15.81
CA GLY A 195 18.39 -9.63 -15.73
C GLY A 195 18.79 -9.20 -14.32
N TYR A 196 18.10 -9.70 -13.31
CA TYR A 196 18.37 -9.26 -11.93
C TYR A 196 19.45 -10.15 -11.31
N PRO A 197 20.55 -9.59 -10.80
CA PRO A 197 21.59 -10.41 -10.20
C PRO A 197 21.19 -11.01 -8.86
N ALA A 198 22.19 -11.29 -8.02
CA ALA A 198 21.93 -11.95 -6.75
C ALA A 198 21.51 -10.96 -5.66
N SER A 199 22.13 -9.79 -5.64
CA SER A 199 21.89 -8.83 -4.54
C SER A 199 20.47 -8.29 -4.55
N VAL A 200 19.82 -8.30 -5.72
CA VAL A 200 18.45 -7.77 -5.82
C VAL A 200 17.51 -8.57 -4.92
N PHE A 201 17.65 -9.89 -4.92
CA PHE A 201 16.75 -10.75 -4.18
C PHE A 201 17.06 -10.80 -2.70
N ASP A 202 18.26 -10.36 -2.30
CA ASP A 202 18.55 -10.16 -0.88
C ASP A 202 18.13 -8.78 -0.41
N ASN A 203 18.05 -7.80 -1.31
CA ASN A 203 17.82 -6.42 -0.92
C ASN A 203 16.35 -6.01 -0.98
N LEU A 204 15.54 -6.64 -1.83
CA LEU A 204 14.09 -6.40 -1.80
C LEU A 204 13.50 -6.71 -0.43
N PRO A 205 13.64 -7.93 0.11
CA PRO A 205 13.03 -8.19 1.42
C PRO A 205 13.69 -7.43 2.55
N ARG A 206 14.95 -7.01 2.39
CA ARG A 206 15.57 -6.15 3.39
C ARG A 206 14.77 -4.86 3.57
N LEU A 207 14.26 -4.31 2.47
CA LEU A 207 13.37 -3.16 2.58
C LEU A 207 11.97 -3.56 3.04
N LEU A 208 11.49 -4.72 2.57
CA LEU A 208 10.12 -5.10 2.92
C LEU A 208 9.98 -5.51 4.38
N GLU A 209 11.05 -6.02 5.01
CA GLU A 209 10.98 -6.51 6.38
C GLU A 209 11.20 -5.42 7.42
N ARG A 210 11.20 -4.16 7.02
CA ARG A 210 11.41 -3.05 7.95
C ARG A 210 10.09 -2.58 8.57
N PRO A 211 9.01 -2.43 7.81
CA PRO A 211 7.72 -2.12 8.45
C PRO A 211 7.19 -3.29 9.26
N GLY A 212 6.43 -2.97 10.29
CA GLY A 212 5.86 -3.96 11.19
C GLY A 212 5.64 -3.36 12.56
N ALA A 213 4.76 -3.99 13.33
CA ALA A 213 4.41 -3.49 14.65
C ALA A 213 5.51 -3.78 15.67
N THR A 214 5.71 -2.84 16.58
CA THR A 214 6.66 -2.99 17.69
C THR A 214 5.90 -2.85 19.00
N SER A 215 6.65 -2.76 20.10
CA SER A 215 6.04 -2.61 21.42
C SER A 215 5.10 -1.41 21.45
N GLU A 216 5.60 -0.23 21.06
CA GLU A 216 4.75 0.91 20.80
C GLU A 216 5.29 1.63 19.57
N GLY A 217 4.38 2.01 18.68
CA GLY A 217 4.76 2.52 17.37
C GLY A 217 4.77 1.39 16.36
N SER A 218 4.34 1.68 15.14
CA SER A 218 4.20 0.63 14.13
C SER A 218 4.21 1.28 12.76
N ILE A 219 4.58 0.49 11.76
CA ILE A 219 4.63 0.92 10.36
C ILE A 219 3.82 -0.07 9.54
N THR A 220 2.58 0.27 9.24
CA THR A 220 1.84 -0.45 8.22
C THR A 220 2.23 0.11 6.86
N ALA A 221 2.48 -0.77 5.90
CA ALA A 221 3.06 -0.36 4.63
C ALA A 221 2.26 -0.92 3.46
N PHE A 222 2.14 -0.11 2.40
CA PHE A 222 1.59 -0.51 1.13
C PHE A 222 2.67 -0.43 0.06
N TYR A 223 2.77 -1.46 -0.77
CA TYR A 223 3.73 -1.51 -1.86
C TYR A 223 2.99 -1.77 -3.16
N THR A 224 3.17 -0.91 -4.15
CA THR A 224 2.48 -1.04 -5.42
C THR A 224 3.35 -1.79 -6.42
N VAL A 225 2.71 -2.61 -7.26
CA VAL A 225 3.40 -3.42 -8.24
C VAL A 225 2.71 -3.25 -9.59
N LEU A 226 3.50 -2.90 -10.61
CA LEU A 226 3.00 -2.78 -11.97
C LEU A 226 2.83 -4.15 -12.60
N LEU A 227 1.75 -4.30 -13.37
CA LEU A 227 1.42 -5.57 -14.01
C LEU A 227 1.67 -5.55 -15.51
N GLU A 228 2.29 -4.48 -16.03
CA GLU A 228 2.52 -4.29 -17.47
C GLU A 228 1.16 -4.38 -18.15
N SER A 229 1.03 -5.15 -19.24
CA SER A 229 -0.27 -5.42 -19.84
C SER A 229 -0.20 -6.77 -20.56
N GLU A 230 0.26 -7.80 -19.85
CA GLU A 230 0.49 -9.11 -20.44
C GLU A 230 0.14 -10.23 -19.48
N GLU A 231 0.84 -10.26 -18.34
CA GLU A 231 0.75 -11.30 -17.31
C GLU A 231 1.45 -12.59 -17.75
N GLU A 232 1.89 -12.65 -19.00
CA GLU A 232 2.69 -13.79 -19.44
C GLU A 232 4.15 -13.63 -19.03
N ALA A 233 4.65 -12.40 -19.00
CA ALA A 233 6.02 -12.08 -18.60
C ALA A 233 5.93 -11.12 -17.43
N ASP A 234 5.89 -11.66 -16.22
CA ASP A 234 5.80 -10.86 -15.00
C ASP A 234 6.35 -11.67 -13.83
N PRO A 235 7.68 -11.80 -13.73
CA PRO A 235 8.27 -12.60 -12.64
C PRO A 235 8.46 -11.79 -11.37
N MET A 236 8.79 -10.50 -11.51
CA MET A 236 9.05 -9.67 -10.35
C MET A 236 7.78 -9.48 -9.52
N ALA A 237 6.62 -9.32 -10.18
CA ALA A 237 5.37 -9.19 -9.45
C ALA A 237 5.12 -10.39 -8.55
N ASP A 238 5.30 -11.59 -9.09
CA ASP A 238 5.02 -12.81 -8.32
C ASP A 238 6.08 -13.05 -7.26
N GLU A 239 7.35 -12.73 -7.53
CA GLU A 239 8.36 -12.88 -6.50
C GLU A 239 8.26 -11.80 -5.43
N ILE A 240 7.55 -10.71 -5.72
CA ILE A 240 7.26 -9.70 -4.71
C ILE A 240 6.04 -10.11 -3.87
N ARG A 241 5.02 -10.67 -4.51
CA ARG A 241 3.82 -11.08 -3.77
C ARG A 241 4.15 -12.08 -2.67
N SER A 242 5.19 -12.89 -2.87
CA SER A 242 5.52 -13.92 -1.89
C SER A 242 6.04 -13.33 -0.59
N ILE A 243 6.67 -12.15 -0.65
CA ILE A 243 7.24 -11.52 0.54
C ILE A 243 6.23 -10.64 1.27
N LEU A 244 5.03 -10.47 0.73
CA LEU A 244 4.03 -9.59 1.29
C LEU A 244 3.00 -10.36 2.12
N ASP A 245 2.47 -9.69 3.13
CA ASP A 245 1.41 -10.25 3.95
C ASP A 245 0.05 -9.98 3.33
N GLY A 246 -0.13 -10.33 2.07
CA GLY A 246 -1.33 -10.04 1.33
C GLY A 246 -1.05 -9.18 0.13
N HIS A 247 -2.10 -8.98 -0.67
CA HIS A 247 -1.97 -8.21 -1.90
C HIS A 247 -3.35 -7.75 -2.34
N LEU A 248 -3.40 -6.56 -2.94
CA LEU A 248 -4.63 -6.00 -3.49
C LEU A 248 -4.53 -5.97 -5.01
N TYR A 249 -5.48 -6.61 -5.68
CA TYR A 249 -5.50 -6.65 -7.14
C TYR A 249 -6.48 -5.61 -7.66
N LEU A 250 -6.01 -4.74 -8.53
CA LEU A 250 -6.86 -3.76 -9.21
C LEU A 250 -7.04 -4.16 -10.66
N SER A 251 -8.25 -3.99 -11.17
CA SER A 251 -8.66 -4.52 -12.46
C SER A 251 -8.91 -3.40 -13.45
N ARG A 252 -8.33 -3.53 -14.65
CA ARG A 252 -8.68 -2.67 -15.77
C ARG A 252 -10.13 -2.84 -16.18
N LYS A 253 -10.71 -4.02 -15.93
CA LYS A 253 -12.10 -4.32 -16.26
C LYS A 253 -13.06 -3.41 -15.49
N LEU A 254 -13.09 -3.55 -14.17
CA LEU A 254 -13.91 -2.68 -13.34
C LEU A 254 -13.51 -1.21 -13.48
N ALA A 255 -12.29 -0.94 -13.92
CA ALA A 255 -11.90 0.44 -14.20
C ALA A 255 -12.66 0.98 -15.41
N GLY A 256 -12.59 0.28 -16.53
CA GLY A 256 -13.36 0.63 -17.71
C GLY A 256 -14.85 0.64 -17.47
N GLN A 257 -15.31 -0.14 -16.50
CA GLN A 257 -16.73 -0.08 -16.12
C GLN A 257 -17.08 1.24 -15.47
N GLY A 258 -16.13 1.84 -14.75
CA GLY A 258 -16.40 2.96 -13.88
C GLY A 258 -16.58 2.57 -12.43
N HIS A 259 -16.29 1.32 -12.08
CA HIS A 259 -16.48 0.80 -10.73
C HIS A 259 -15.18 0.98 -9.95
N TYR A 260 -15.18 1.95 -9.03
CA TYR A 260 -14.00 2.25 -8.22
C TYR A 260 -14.35 2.18 -6.74
N PRO A 261 -13.43 1.70 -5.89
CA PRO A 261 -12.09 1.17 -6.23
C PRO A 261 -12.15 -0.12 -7.03
N ALA A 262 -11.40 -0.17 -8.12
CA ALA A 262 -11.43 -1.31 -9.02
C ALA A 262 -10.82 -2.55 -8.38
N ILE A 263 -11.32 -2.94 -7.22
CA ILE A 263 -10.76 -4.05 -6.46
C ILE A 263 -11.45 -5.34 -6.90
N ASP A 264 -10.67 -6.25 -7.48
CA ASP A 264 -11.12 -7.62 -7.71
C ASP A 264 -11.00 -8.35 -6.38
N VAL A 265 -12.13 -8.52 -5.70
CA VAL A 265 -12.10 -9.10 -4.35
C VAL A 265 -11.63 -10.54 -4.40
N LEU A 266 -11.98 -11.27 -5.45
CA LEU A 266 -11.63 -12.68 -5.53
C LEU A 266 -10.14 -12.89 -5.76
N LYS A 267 -9.50 -11.98 -6.51
CA LYS A 267 -8.07 -12.06 -6.76
C LYS A 267 -7.23 -11.49 -5.61
N SER A 268 -7.84 -11.18 -4.48
CA SER A 268 -7.17 -10.47 -3.41
C SER A 268 -7.24 -11.26 -2.11
N VAL A 269 -6.35 -10.91 -1.18
CA VAL A 269 -6.28 -11.59 0.11
C VAL A 269 -5.52 -10.71 1.08
N SER A 270 -5.83 -10.86 2.37
CA SER A 270 -5.05 -10.27 3.46
C SER A 270 -4.62 -11.41 4.37
N ARG A 271 -3.33 -11.75 4.33
CA ARG A 271 -2.83 -12.91 5.08
C ARG A 271 -2.84 -12.68 6.58
N VAL A 272 -3.50 -11.64 7.06
CA VAL A 272 -3.67 -11.40 8.49
C VAL A 272 -5.14 -11.22 8.80
N PHE A 273 -5.99 -11.59 7.83
CA PHE A 273 -7.43 -11.34 7.97
C PHE A 273 -7.99 -12.08 9.18
N GLY A 274 -7.82 -13.40 9.23
CA GLY A 274 -8.33 -14.16 10.36
C GLY A 274 -7.70 -13.74 11.67
N GLN A 275 -6.46 -13.22 11.62
CA GLN A 275 -5.75 -12.82 12.82
C GLN A 275 -6.23 -11.49 13.38
N VAL A 276 -6.83 -10.64 12.54
CA VAL A 276 -7.28 -9.31 12.96
C VAL A 276 -8.78 -9.15 12.92
N THR A 277 -9.53 -10.21 12.59
CA THR A 277 -10.97 -10.14 12.53
C THR A 277 -11.60 -11.01 13.61
N THR A 278 -12.74 -10.56 14.12
CA THR A 278 -13.52 -11.34 15.07
C THR A 278 -14.10 -12.57 14.37
N PRO A 279 -14.47 -13.60 15.13
CA PRO A 279 -15.04 -14.80 14.50
C PRO A 279 -16.33 -14.54 13.74
N THR A 280 -17.17 -13.63 14.25
CA THR A 280 -18.38 -13.24 13.53
C THR A 280 -18.04 -12.65 12.17
N HIS A 281 -17.18 -11.63 12.17
CA HIS A 281 -16.70 -11.02 10.94
C HIS A 281 -16.06 -12.06 10.02
N ALA A 282 -15.29 -12.98 10.59
CA ALA A 282 -14.61 -13.98 9.78
C ALA A 282 -15.60 -14.91 9.09
N GLU A 283 -16.68 -15.28 9.79
CA GLU A 283 -17.73 -16.09 9.18
C GLU A 283 -18.42 -15.33 8.06
N GLN A 284 -18.81 -14.08 8.33
CA GLN A 284 -19.53 -13.30 7.32
C GLN A 284 -18.68 -13.07 6.09
N ALA A 285 -17.36 -12.94 6.26
CA ALA A 285 -16.48 -12.75 5.13
C ALA A 285 -16.48 -13.98 4.23
N SER A 286 -16.39 -15.18 4.80
CA SER A 286 -16.43 -16.40 4.01
C SER A 286 -17.78 -16.54 3.31
N ALA A 287 -18.86 -16.17 3.99
CA ALA A 287 -20.18 -16.21 3.37
C ALA A 287 -20.24 -15.31 2.14
N VAL A 288 -19.77 -14.07 2.28
CA VAL A 288 -19.82 -13.13 1.16
C VAL A 288 -18.88 -13.60 0.04
N ARG A 289 -17.75 -14.22 0.40
CA ARG A 289 -16.85 -14.76 -0.62
C ARG A 289 -17.53 -15.86 -1.42
N LYS A 290 -18.23 -16.77 -0.74
CA LYS A 290 -18.97 -17.80 -1.45
C LYS A 290 -20.03 -17.20 -2.35
N LEU A 291 -20.74 -16.16 -1.87
CA LEU A 291 -21.76 -15.53 -2.69
C LEU A 291 -21.15 -14.91 -3.95
N MET A 292 -20.03 -14.20 -3.80
CA MET A 292 -19.36 -13.60 -4.95
C MET A 292 -18.92 -14.66 -5.96
N THR A 293 -18.30 -15.74 -5.47
CA THR A 293 -17.84 -16.78 -6.37
C THR A 293 -19.01 -17.47 -7.06
N ARG A 294 -20.17 -17.55 -6.39
CA ARG A 294 -21.35 -18.12 -7.04
C ARG A 294 -21.89 -17.18 -8.10
N LEU A 295 -21.85 -15.87 -7.85
CA LEU A 295 -22.39 -14.92 -8.81
C LEU A 295 -21.51 -14.81 -10.05
N GLU A 296 -20.18 -14.83 -9.88
CA GLU A 296 -19.30 -14.78 -11.04
C GLU A 296 -19.13 -16.14 -11.70
N GLU A 297 -19.35 -17.22 -10.96
CA GLU A 297 -19.34 -18.56 -11.55
C GLU A 297 -20.54 -18.78 -12.45
N LEU A 298 -21.67 -18.14 -12.13
CA LEU A 298 -22.89 -18.30 -12.92
C LEU A 298 -22.82 -17.57 -14.24
N GLN A 299 -21.92 -16.59 -14.38
CA GLN A 299 -21.94 -15.70 -15.53
C GLN A 299 -21.72 -16.46 -16.83
N LEU A 300 -22.61 -16.22 -17.80
CA LEU A 300 -22.49 -16.81 -19.12
C LEU A 300 -22.21 -15.72 -20.16
N ILE A 313 -37.41 -15.93 -12.48
CA ILE A 313 -37.35 -15.22 -11.20
C ILE A 313 -36.05 -15.57 -10.49
N ASP A 314 -35.49 -16.74 -10.81
CA ASP A 314 -34.20 -17.13 -10.26
C ASP A 314 -33.07 -16.31 -10.88
N ASN A 315 -33.22 -15.93 -12.15
CA ASN A 315 -32.24 -15.06 -12.79
C ASN A 315 -32.36 -13.63 -12.28
N ASP A 316 -33.59 -13.14 -12.09
CA ASP A 316 -33.80 -11.75 -11.71
C ASP A 316 -33.24 -11.45 -10.33
N ARG A 317 -33.57 -12.31 -9.34
CA ARG A 317 -33.07 -12.10 -7.99
C ARG A 317 -31.55 -12.09 -7.96
N ALA A 318 -30.92 -13.05 -8.65
CA ALA A 318 -29.46 -13.13 -8.62
C ALA A 318 -28.82 -11.97 -9.39
N MET A 319 -29.48 -11.47 -10.44
CA MET A 319 -28.92 -10.33 -11.16
C MET A 319 -29.00 -9.06 -10.33
N GLN A 320 -30.16 -8.80 -9.72
CA GLN A 320 -30.25 -7.67 -8.80
C GLN A 320 -29.33 -7.85 -7.61
N MET A 321 -29.02 -9.09 -7.23
CA MET A 321 -28.07 -9.34 -6.15
C MET A 321 -26.64 -8.98 -6.55
N ARG A 322 -26.24 -9.40 -7.75
CA ARG A 322 -24.92 -9.00 -8.26
C ARG A 322 -24.81 -7.48 -8.33
N ASP A 323 -25.89 -6.82 -8.77
CA ASP A 323 -25.87 -5.36 -8.83
C ASP A 323 -25.77 -4.75 -7.43
N SER A 324 -26.54 -5.28 -6.47
CA SER A 324 -26.47 -4.79 -5.10
C SER A 324 -25.06 -4.94 -4.53
N LEU A 325 -24.44 -6.10 -4.74
CA LEU A 325 -23.11 -6.33 -4.19
C LEU A 325 -22.07 -5.44 -4.85
N LYS A 326 -22.13 -5.29 -6.18
CA LYS A 326 -21.18 -4.41 -6.85
C LYS A 326 -21.38 -2.96 -6.46
N ALA A 327 -22.63 -2.57 -6.16
CA ALA A 327 -22.88 -1.21 -5.69
C ALA A 327 -22.32 -1.02 -4.29
N TRP A 328 -22.47 -2.02 -3.43
CA TRP A 328 -21.91 -1.93 -2.08
C TRP A 328 -20.40 -1.85 -2.13
N LEU A 329 -19.76 -2.58 -3.05
CA LEU A 329 -18.31 -2.55 -3.16
C LEU A 329 -17.81 -1.24 -3.75
N CYS A 330 -18.60 -0.60 -4.61
CA CYS A 330 -18.18 0.67 -5.20
C CYS A 330 -18.26 1.78 -4.16
N GLN A 331 -17.26 2.66 -4.18
CA GLN A 331 -17.18 3.68 -3.14
C GLN A 331 -16.34 4.87 -3.60
N PRO A 332 -16.95 6.05 -3.75
CA PRO A 332 -16.17 7.24 -4.11
C PRO A 332 -15.31 7.72 -2.95
N VAL A 333 -14.21 8.39 -3.30
CA VAL A 333 -13.25 8.87 -2.28
C VAL A 333 -13.90 9.86 -1.32
N ALA A 334 -14.99 10.50 -1.75
CA ALA A 334 -15.71 11.39 -0.83
C ALA A 334 -16.35 10.59 0.29
N GLN A 335 -16.99 9.47 -0.04
CA GLN A 335 -17.72 8.70 0.94
C GLN A 335 -16.79 8.02 1.93
N TYR A 336 -17.24 7.92 3.18
CA TYR A 336 -16.54 7.21 4.25
C TYR A 336 -17.53 6.30 4.95
N SER A 337 -17.09 5.07 5.24
CA SER A 337 -17.93 4.08 5.90
C SER A 337 -17.22 3.57 7.14
N SER A 338 -17.86 3.74 8.30
CA SER A 338 -17.28 3.25 9.54
C SER A 338 -17.32 1.73 9.59
N PHE A 339 -16.48 1.16 10.45
CA PHE A 339 -16.36 -0.29 10.54
C PHE A 339 -17.68 -0.93 10.96
N ASP A 340 -18.45 -0.25 11.82
CA ASP A 340 -19.75 -0.77 12.20
C ASP A 340 -20.66 -0.90 10.99
N ASP A 341 -20.78 0.17 10.20
CA ASP A 341 -21.63 0.13 9.01
C ASP A 341 -21.13 -0.88 7.99
N THR A 342 -19.80 -0.96 7.83
CA THR A 342 -19.21 -1.94 6.94
C THR A 342 -19.62 -3.35 7.32
N LEU A 343 -19.53 -3.68 8.61
CA LEU A 343 -19.93 -5.00 9.08
C LEU A 343 -21.44 -5.19 8.97
N SER A 344 -22.21 -4.12 9.11
CA SER A 344 -23.66 -4.22 8.93
C SER A 344 -24.01 -4.55 7.49
N GLY A 345 -23.22 -4.06 6.53
CA GLY A 345 -23.43 -4.43 5.15
C GLY A 345 -22.98 -5.85 4.85
N MET A 346 -21.83 -6.22 5.43
CA MET A 346 -21.33 -7.59 5.35
C MET A 346 -22.38 -8.59 5.83
N ASN A 347 -23.06 -8.25 6.92
CA ASN A 347 -24.06 -9.14 7.50
C ASN A 347 -25.23 -9.36 6.54
N ALA A 348 -25.66 -8.30 5.85
CA ALA A 348 -26.76 -8.43 4.90
C ALA A 348 -26.34 -9.31 3.73
N PHE A 349 -25.16 -9.05 3.17
CA PHE A 349 -24.74 -9.85 2.02
C PHE A 349 -24.35 -11.27 2.42
N ALA A 350 -24.20 -11.56 3.71
CA ALA A 350 -24.08 -12.94 4.16
C ALA A 350 -25.45 -13.58 4.36
N ASP A 351 -26.40 -12.82 4.91
CA ASP A 351 -27.78 -13.28 5.01
C ASP A 351 -28.30 -13.71 3.65
N GLN A 352 -27.88 -13.00 2.59
CA GLN A 352 -28.26 -13.41 1.25
C GLN A 352 -27.65 -14.75 0.87
N ASN A 353 -26.43 -15.03 1.34
CA ASN A 353 -25.83 -16.34 1.07
C ASN A 353 -26.57 -17.44 1.83
N SER A 354 -27.07 -17.14 3.02
CA SER A 354 -27.80 -18.14 3.79
C SER A 354 -29.14 -18.53 3.16
N ALA A 355 -29.63 -17.75 2.20
CA ALA A 355 -30.90 -18.06 1.55
C ALA A 355 -30.69 -18.56 0.12
PB ADP B . -2.94 4.77 -12.12
O1B ADP B . -2.74 3.28 -12.25
O2B ADP B . -2.37 5.59 -13.25
O3B ADP B . -2.61 5.32 -10.74
PA ADP B . -5.19 6.41 -11.95
O1A ADP B . -5.31 6.57 -10.46
O2A ADP B . -4.45 7.44 -12.77
O3A ADP B . -4.53 4.96 -12.24
O5' ADP B . -6.68 6.27 -12.56
C5' ADP B . -7.48 7.44 -12.71
C4' ADP B . -8.90 7.07 -13.13
O4' ADP B . -9.75 6.91 -11.99
C3' ADP B . -9.53 8.15 -13.99
O3' ADP B . -9.62 7.71 -15.35
C2' ADP B . -10.92 8.37 -13.43
O2' ADP B . -11.90 8.13 -14.44
C1' ADP B . -11.07 7.36 -12.30
N9 ADP B . -11.73 7.99 -11.13
C8 ADP B . -11.20 8.12 -9.90
N7 ADP B . -12.07 8.73 -9.05
C5 ADP B . -13.19 8.99 -9.74
C6 ADP B . -14.50 9.61 -9.46
N6 ADP B . -14.80 10.10 -8.23
N1 ADP B . -15.40 9.68 -10.48
C2 ADP B . -15.13 9.21 -11.70
N3 ADP B . -13.95 8.63 -12.03
C4 ADP B . -12.97 8.49 -11.12
O1 MES C . -0.58 6.78 19.47
C2 MES C . -0.05 6.28 20.70
C3 MES C . 0.55 4.89 20.52
N4 MES C . -0.40 4.05 19.80
C5 MES C . -0.99 4.58 18.58
C6 MES C . -1.59 5.94 18.94
C7 MES C . -0.10 2.62 19.88
C8 MES C . -0.72 1.93 18.66
S MES C . 0.47 1.61 17.55
O1S MES C . 1.27 0.44 17.99
O2S MES C . -0.15 1.31 16.24
O3S MES C . 1.36 2.78 17.42
C1 GOL D . 0.59 -18.31 -2.59
O1 GOL D . -0.61 -17.71 -2.93
C2 GOL D . 1.69 -17.64 -3.44
O2 GOL D . 1.84 -16.29 -3.12
C3 GOL D . 2.97 -18.46 -3.17
O3 GOL D . 3.34 -18.20 -1.86
C1 GOL E . 16.29 -3.87 18.58
O1 GOL E . 16.47 -3.91 19.96
C2 GOL E . 17.30 -4.89 17.98
O2 GOL E . 17.34 -6.08 18.70
C3 GOL E . 16.82 -5.11 16.51
O3 GOL E . 15.48 -4.74 16.44
C1 GOL F . 24.69 -2.68 8.13
O1 GOL F . 24.36 -2.60 6.77
C2 GOL F . 23.50 -3.38 8.83
O2 GOL F . 23.65 -4.76 8.84
C3 GOL F . 23.47 -2.78 10.26
O3 GOL F . 22.18 -2.32 10.48
C1 GOL G . -26.65 6.76 2.32
O1 GOL G . -27.05 6.52 1.01
C2 GOL G . -25.13 6.45 2.40
O2 GOL G . -24.65 5.91 1.20
C3 GOL G . -24.47 7.80 2.73
O3 GOL G . -23.12 7.53 3.02
C1 GOL H . 10.97 -0.67 18.96
O1 GOL H . 10.34 -1.49 19.89
C2 GOL H . 10.80 0.79 19.47
O2 GOL H . 9.48 1.21 19.41
C3 GOL H . 11.36 0.77 20.92
O3 GOL H . 11.02 1.99 21.49
C1 GOL I . 0.24 -20.18 0.59
O1 GOL I . -0.59 -21.27 0.40
C2 GOL I . 0.26 -19.89 2.11
O2 GOL I . 1.25 -20.60 2.77
C3 GOL I . 0.46 -18.36 2.22
O3 GOL I . -0.05 -17.99 3.46
C1 GOL J . 20.46 4.47 -15.55
O1 GOL J . 20.21 3.12 -15.32
C2 GOL J . 20.71 5.13 -14.18
O2 GOL J . 21.02 6.48 -14.30
C3 GOL J . 21.86 4.32 -13.56
O3 GOL J . 22.21 4.97 -12.38
S SO4 K . -8.72 -7.69 -15.68
O1 SO4 K . -7.76 -8.25 -14.74
O2 SO4 K . -9.83 -8.61 -15.85
O3 SO4 K . -8.06 -7.49 -16.98
O4 SO4 K . -9.21 -6.41 -15.18
#